data_9LIA
#
_entry.id   9LIA
#
_cell.length_a   76.984
_cell.length_b   83.841
_cell.length_c   59.184
_cell.angle_alpha   90.00
_cell.angle_beta   101.91
_cell.angle_gamma   90.00
#
_symmetry.space_group_name_H-M   'C 1 2 1'
#
loop_
_entity.id
_entity.type
_entity.pdbx_description
1 polymer '4-hydroxyphenylpyruvate dioxygenase'
2 non-polymer 'COBALT (II) ION'
3 non-polymer 5-(1-methyl-5-oxidanyl-pyrazol-4-yl)carbonyl-2-(phenylmethyl)isoindole-1,3-dione
4 water water
#
_entity_poly.entity_id   1
_entity_poly.type   'polypeptide(L)'
_entity_poly.pdbx_seq_one_letter_code
;YTDKGPKPDGGKFLCFDHITFYVGNAKQAASYYTTRMGFTELAYQGLETGSRKLAKHVVRQNKIVFVFVSAYEPDNTELG
AHLVRHGDGVKDVAFTVEDLDVIVKRAKQRGAEVVRDIWEESDEFGTVRFATVKTYGDTQHTFVERKNYKGLFLPGYKAP
LYDDVLAKQLPATHLDFIDHVVGNQPDLQMESVAAWYEKVLMFHRFWSVDDSQIHTEYSALRSIVMTNYEETVKMPINEP
AKGKKKSQIEEYVDYYGGAGVQHIALNTSDIITAIENLRARGMHFLSVPNTYYDQLRERLKSSKVKIQEDMDTLQKLNIL
IDYDEDGYLLQIFTKNMQDRPTLFLEVIQRHGHNGFGAGNFKALFEAIEADQDKRGNL
;
_entity_poly.pdbx_strand_id   B
#
loop_
_chem_comp.id
_chem_comp.type
_chem_comp.name
_chem_comp.formula
A1L7D non-polymer 5-(1-methyl-5-oxidanyl-pyrazol-4-yl)carbonyl-2-(phenylmethyl)isoindole-1,3-dione 'C20 H15 N3 O4'
CO non-polymer 'COBALT (II) ION' 'Co 2'
#
# COMPACT_ATOMS: atom_id res chain seq x y z
N TYR A 1 -18.01 -15.01 -8.88
CA TYR A 1 -19.45 -14.82 -8.58
C TYR A 1 -19.68 -14.91 -7.06
N THR A 2 -19.62 -13.77 -6.36
CA THR A 2 -19.88 -13.73 -4.93
C THR A 2 -20.86 -12.61 -4.57
N ASP A 3 -21.31 -12.59 -3.32
CA ASP A 3 -22.21 -11.52 -2.88
C ASP A 3 -21.41 -10.22 -2.81
N LYS A 4 -21.66 -9.34 -3.77
CA LYS A 4 -21.05 -8.02 -3.78
C LYS A 4 -21.96 -6.95 -3.16
N GLY A 5 -23.13 -7.34 -2.69
CA GLY A 5 -24.06 -6.39 -2.10
C GLY A 5 -24.75 -5.55 -3.16
N PRO A 6 -25.43 -4.50 -2.74
CA PRO A 6 -26.19 -3.67 -3.68
C PRO A 6 -25.25 -2.90 -4.61
N LYS A 7 -25.65 -2.82 -5.87
CA LYS A 7 -24.83 -2.08 -6.84
C LYS A 7 -25.07 -0.57 -6.68
N PRO A 8 -24.02 0.24 -6.55
CA PRO A 8 -24.22 1.67 -6.34
C PRO A 8 -24.91 2.32 -7.54
N ASP A 9 -25.86 3.20 -7.23
CA ASP A 9 -26.60 3.94 -8.26
C ASP A 9 -25.74 5.14 -8.64
N GLY A 10 -24.82 4.92 -9.58
CA GLY A 10 -23.92 5.96 -10.01
C GLY A 10 -22.58 5.93 -9.30
N GLY A 11 -21.52 6.25 -10.04
CA GLY A 11 -20.20 6.36 -9.46
C GLY A 11 -19.38 5.11 -9.71
N LYS A 12 -18.10 5.28 -10.01
CA LYS A 12 -17.21 4.15 -10.19
C LYS A 12 -15.83 4.50 -9.65
N PHE A 13 -15.24 3.58 -8.91
CA PHE A 13 -13.83 3.68 -8.50
C PHE A 13 -13.02 2.84 -9.50
N LEU A 14 -12.25 3.53 -10.34
CA LEU A 14 -11.55 2.81 -11.41
C LEU A 14 -10.31 2.10 -10.90
N CYS A 15 -9.52 2.78 -10.08
CA CYS A 15 -8.22 2.26 -9.67
C CYS A 15 -7.63 3.21 -8.63
N PHE A 16 -6.47 2.85 -8.07
CA PHE A 16 -5.73 3.78 -7.25
C PHE A 16 -5.14 4.85 -8.17
N ASP A 17 -5.26 6.11 -7.75
CA ASP A 17 -4.68 7.19 -8.54
C ASP A 17 -3.24 7.47 -8.14
N HIS A 18 -3.01 7.68 -6.85
CA HIS A 18 -1.68 7.95 -6.31
C HIS A 18 -1.77 7.83 -4.80
N ILE A 19 -0.61 7.75 -4.16
CA ILE A 19 -0.48 7.77 -2.71
C ILE A 19 0.35 8.98 -2.34
N THR A 20 -0.16 9.81 -1.43
CA THR A 20 0.55 11.00 -0.98
C THR A 20 1.09 10.75 0.41
N PHE A 21 2.38 11.04 0.60
CA PHE A 21 3.09 10.90 1.87
C PHE A 21 3.38 12.30 2.41
N TYR A 22 3.17 12.50 3.71
CA TYR A 22 3.64 13.69 4.41
C TYR A 22 4.95 13.31 5.09
N VAL A 23 6.04 14.01 4.74
CA VAL A 23 7.37 13.59 5.16
C VAL A 23 8.18 14.79 5.60
N GLY A 24 9.26 14.49 6.33
CA GLY A 24 10.10 15.56 6.83
C GLY A 24 10.94 16.24 5.76
N ASN A 25 11.32 15.50 4.72
CA ASN A 25 12.20 16.03 3.68
C ASN A 25 11.80 15.36 2.36
N ALA A 26 10.88 16.01 1.64
CA ALA A 26 10.32 15.41 0.43
C ALA A 26 11.38 15.18 -0.64
N LYS A 27 12.33 16.11 -0.77
CA LYS A 27 13.42 15.93 -1.71
C LYS A 27 14.19 14.65 -1.44
N GLN A 28 14.54 14.41 -0.17
CA GLN A 28 15.30 13.20 0.15
C GLN A 28 14.42 11.97 0.11
N ALA A 29 13.11 12.11 0.40
CA ALA A 29 12.22 10.95 0.33
C ALA A 29 12.03 10.51 -1.10
N ALA A 30 11.79 11.46 -2.00
CA ALA A 30 11.71 11.10 -3.42
C ALA A 30 12.97 10.37 -3.87
N SER A 31 14.15 10.85 -3.44
CA SER A 31 15.41 10.21 -3.80
C SER A 31 15.49 8.77 -3.27
N TYR A 32 14.99 8.54 -2.05
CA TYR A 32 14.97 7.17 -1.51
C TYR A 32 14.15 6.24 -2.38
N TYR A 33 12.95 6.68 -2.76
CA TYR A 33 12.07 5.79 -3.52
C TYR A 33 12.51 5.63 -4.97
N THR A 34 13.14 6.65 -5.56
CA THR A 34 13.62 6.47 -6.93
C THR A 34 14.82 5.54 -6.96
N THR A 35 15.79 5.76 -6.06
CA THR A 35 17.01 4.95 -6.13
C THR A 35 16.80 3.55 -5.56
N ARG A 36 16.10 3.42 -4.43
CA ARG A 36 15.95 2.11 -3.79
C ARG A 36 14.81 1.30 -4.36
N MET A 37 13.71 1.95 -4.78
CA MET A 37 12.50 1.21 -5.12
C MET A 37 12.15 1.24 -6.60
N GLY A 38 12.99 1.81 -7.47
CA GLY A 38 12.76 1.75 -8.91
C GLY A 38 11.86 2.80 -9.51
N PHE A 39 11.51 3.84 -8.76
CA PHE A 39 10.68 4.91 -9.28
C PHE A 39 11.53 5.94 -10.03
N THR A 40 10.85 6.83 -10.76
CA THR A 40 11.49 7.91 -11.48
C THR A 40 10.74 9.20 -11.15
N GLU A 41 11.47 10.27 -10.85
CA GLU A 41 10.81 11.55 -10.54
C GLU A 41 10.21 12.13 -11.82
N LEU A 42 8.89 12.38 -11.77
CA LEU A 42 8.03 12.71 -12.90
C LEU A 42 7.63 14.17 -12.93
N ALA A 43 7.33 14.74 -11.77
CA ALA A 43 6.73 16.06 -11.72
C ALA A 43 6.99 16.69 -10.36
N TYR A 44 6.73 17.99 -10.28
CA TYR A 44 7.16 18.78 -9.14
C TYR A 44 6.31 20.03 -9.00
N GLN A 45 6.04 20.42 -7.76
CA GLN A 45 5.58 21.76 -7.44
C GLN A 45 6.42 22.27 -6.27
N GLY A 46 6.73 23.56 -6.28
CA GLY A 46 7.48 24.14 -5.20
C GLY A 46 7.71 25.61 -5.44
N LEU A 47 8.72 26.17 -4.79
CA LEU A 47 8.98 27.60 -4.93
C LEU A 47 9.12 27.99 -6.40
N GLU A 48 9.82 27.16 -7.17
CA GLU A 48 10.09 27.44 -8.58
C GLU A 48 8.84 27.40 -9.45
N THR A 49 7.75 26.82 -8.95
CA THR A 49 6.51 26.77 -9.72
C THR A 49 5.45 27.70 -9.17
N GLY A 50 5.76 28.47 -8.12
CA GLY A 50 4.80 29.33 -7.47
C GLY A 50 4.08 28.73 -6.29
N SER A 51 4.43 27.50 -5.89
CA SER A 51 3.86 26.85 -4.71
C SER A 51 4.72 27.27 -3.53
N ARG A 52 4.20 28.18 -2.70
CA ARG A 52 5.02 28.81 -1.68
C ARG A 52 4.86 28.20 -0.29
N LYS A 53 3.85 27.36 -0.08
CA LYS A 53 3.66 26.73 1.21
C LYS A 53 4.12 25.28 1.23
N LEU A 54 4.03 24.57 0.10
CA LEU A 54 4.29 23.14 0.06
C LEU A 54 5.20 22.79 -1.10
N ALA A 55 6.15 21.89 -0.84
CA ALA A 55 6.97 21.27 -1.88
C ALA A 55 6.42 19.88 -2.14
N LYS A 56 6.27 19.52 -3.42
CA LYS A 56 5.66 18.25 -3.81
C LYS A 56 6.51 17.58 -4.88
N HIS A 57 7.00 16.38 -4.60
CA HIS A 57 7.79 15.60 -5.54
C HIS A 57 6.98 14.37 -5.94
N VAL A 58 6.74 14.21 -7.24
CA VAL A 58 5.93 13.11 -7.79
C VAL A 58 6.86 12.10 -8.43
N VAL A 59 6.78 10.84 -8.01
CA VAL A 59 7.60 9.78 -8.58
C VAL A 59 6.67 8.68 -9.10
N ARG A 60 7.08 8.04 -10.18
CA ARG A 60 6.23 7.08 -10.87
C ARG A 60 7.02 5.83 -11.23
N GLN A 61 6.34 4.70 -11.15
CA GLN A 61 6.83 3.43 -11.72
C GLN A 61 5.63 2.78 -12.39
N ASN A 62 5.61 2.78 -13.73
CA ASN A 62 4.45 2.30 -14.49
C ASN A 62 3.19 3.02 -14.02
N LYS A 63 2.24 2.29 -13.44
CA LYS A 63 0.97 2.96 -13.03
C LYS A 63 1.07 3.46 -11.58
N ILE A 64 2.14 3.12 -10.85
CA ILE A 64 2.24 3.46 -9.44
C ILE A 64 2.76 4.89 -9.33
N VAL A 65 2.02 5.75 -8.62
CA VAL A 65 2.45 7.13 -8.43
C VAL A 65 2.47 7.43 -6.94
N PHE A 66 3.63 7.86 -6.43
CA PHE A 66 3.80 8.29 -5.06
C PHE A 66 4.16 9.77 -5.06
N VAL A 67 3.53 10.54 -4.17
CA VAL A 67 3.77 11.98 -4.03
C VAL A 67 4.29 12.26 -2.63
N PHE A 68 5.40 12.99 -2.55
CA PHE A 68 6.04 13.31 -1.29
C PHE A 68 5.94 14.81 -1.03
N VAL A 69 5.44 15.17 0.15
CA VAL A 69 5.06 16.56 0.46
C VAL A 69 5.74 17.00 1.75
N SER A 70 6.31 18.20 1.73
CA SER A 70 6.83 18.84 2.94
C SER A 70 6.46 20.31 2.94
N ALA A 71 6.44 20.90 4.14
CA ALA A 71 6.18 22.32 4.30
C ALA A 71 7.43 23.14 4.06
N TYR A 72 7.23 24.33 3.50
CA TYR A 72 8.32 25.29 3.36
C TYR A 72 8.53 26.14 4.59
N GLU A 73 7.47 26.43 5.33
CA GLU A 73 7.56 27.49 6.32
C GLU A 73 7.61 26.92 7.73
N PRO A 74 8.32 27.59 8.64
CA PRO A 74 8.31 27.19 10.04
C PRO A 74 6.91 27.11 10.60
N ASP A 75 6.70 26.14 11.49
CA ASP A 75 5.47 26.06 12.28
C ASP A 75 4.22 25.97 11.40
N ASN A 76 4.31 25.17 10.34
CA ASN A 76 3.12 24.73 9.61
C ASN A 76 2.35 23.80 10.53
N THR A 77 1.15 24.22 10.95
CA THR A 77 0.46 23.53 12.04
C THR A 77 0.06 22.11 11.64
N GLU A 78 -0.55 21.97 10.46
CA GLU A 78 -1.12 20.69 10.05
C GLU A 78 -0.03 19.68 9.71
N LEU A 79 0.89 20.05 8.80
CA LEU A 79 1.94 19.11 8.43
C LEU A 79 2.88 18.87 9.61
N GLY A 80 3.15 19.91 10.40
CA GLY A 80 4.03 19.74 11.54
C GLY A 80 3.49 18.75 12.56
N ALA A 81 2.22 18.90 12.94
CA ALA A 81 1.62 17.96 13.88
C ALA A 81 1.66 16.54 13.36
N HIS A 82 1.37 16.35 12.07
CA HIS A 82 1.39 15.02 11.48
C HIS A 82 2.80 14.43 11.57
N LEU A 83 3.81 15.23 11.29
CA LEU A 83 5.18 14.75 11.30
C LEU A 83 5.59 14.33 12.70
N VAL A 84 5.27 15.16 13.69
CA VAL A 84 5.66 14.87 15.05
C VAL A 84 4.91 13.65 15.60
N ARG A 85 3.62 13.52 15.26
CA ARG A 85 2.83 12.41 15.77
C ARG A 85 3.25 11.09 15.14
N HIS A 86 3.42 11.06 13.81
CA HIS A 86 3.51 9.82 13.07
C HIS A 86 4.90 9.47 12.55
N GLY A 87 5.79 10.43 12.39
CA GLY A 87 6.92 10.22 11.52
C GLY A 87 6.46 10.33 10.07
N ASP A 88 7.36 10.01 9.15
CA ASP A 88 6.99 9.98 7.75
C ASP A 88 5.93 8.90 7.53
N GLY A 89 4.90 9.22 6.76
CA GLY A 89 3.86 8.21 6.51
C GLY A 89 2.87 8.66 5.46
N VAL A 90 1.96 7.73 5.12
CA VAL A 90 0.93 8.00 4.13
C VAL A 90 -0.12 8.94 4.71
N LYS A 91 -0.41 10.00 3.97
CA LYS A 91 -1.50 10.94 4.30
C LYS A 91 -2.75 10.70 3.46
N ASP A 92 -2.62 10.40 2.17
CA ASP A 92 -3.76 10.36 1.26
C ASP A 92 -3.64 9.13 0.38
N VAL A 93 -4.69 8.31 0.37
CA VAL A 93 -4.83 7.25 -0.60
C VAL A 93 -5.86 7.72 -1.62
N ALA A 94 -5.40 8.08 -2.82
CA ALA A 94 -6.28 8.69 -3.81
C ALA A 94 -6.81 7.67 -4.81
N PHE A 95 -8.09 7.81 -5.18
CA PHE A 95 -8.76 6.92 -6.11
C PHE A 95 -9.11 7.68 -7.38
N THR A 96 -8.85 7.06 -8.53
CA THR A 96 -9.36 7.58 -9.79
C THR A 96 -10.82 7.18 -9.89
N VAL A 97 -11.69 8.15 -10.20
CA VAL A 97 -13.13 7.90 -10.20
C VAL A 97 -13.78 8.38 -11.49
N GLU A 98 -14.97 7.83 -11.73
CA GLU A 98 -15.94 8.36 -12.69
C GLU A 98 -17.18 8.77 -11.92
N ASP A 99 -17.82 9.86 -12.37
CA ASP A 99 -19.01 10.37 -11.69
C ASP A 99 -18.70 10.79 -10.26
N LEU A 100 -17.72 11.70 -10.16
CA LEU A 100 -17.29 12.22 -8.88
C LEU A 100 -18.46 12.76 -8.06
N ASP A 101 -19.39 13.47 -8.70
CA ASP A 101 -20.42 14.17 -7.95
C ASP A 101 -21.34 13.22 -7.19
N VAL A 102 -21.73 12.10 -7.80
CA VAL A 102 -22.55 11.10 -7.09
C VAL A 102 -21.81 10.55 -5.90
N ILE A 103 -20.55 10.16 -6.14
CA ILE A 103 -19.75 9.56 -5.07
C ILE A 103 -19.67 10.51 -3.88
N VAL A 104 -19.40 11.79 -4.15
CA VAL A 104 -19.20 12.74 -3.07
C VAL A 104 -20.50 13.06 -2.36
N LYS A 105 -21.58 13.24 -3.13
CA LYS A 105 -22.88 13.52 -2.54
C LYS A 105 -23.27 12.40 -1.59
N ARG A 106 -23.14 11.15 -2.06
CA ARG A 106 -23.47 9.99 -1.25
C ARG A 106 -22.60 9.92 0.00
N ALA A 107 -21.28 10.08 -0.17
CA ALA A 107 -20.39 10.04 0.99
C ALA A 107 -20.75 11.11 2.00
N LYS A 108 -21.03 12.33 1.55
CA LYS A 108 -21.41 13.39 2.47
C LYS A 108 -22.71 13.07 3.20
N GLN A 109 -23.74 12.63 2.44
CA GLN A 109 -25.02 12.28 3.05
C GLN A 109 -24.88 11.20 4.11
N ARG A 110 -23.93 10.28 3.91
CA ARG A 110 -23.77 9.14 4.79
C ARG A 110 -22.75 9.38 5.90
N GLY A 111 -22.30 10.63 6.08
CA GLY A 111 -21.52 10.98 7.25
C GLY A 111 -20.04 11.19 7.06
N ALA A 112 -19.54 11.18 5.82
CA ALA A 112 -18.12 11.44 5.60
C ALA A 112 -17.74 12.83 6.12
N GLU A 113 -16.59 12.90 6.78
CA GLU A 113 -16.03 14.19 7.18
C GLU A 113 -15.28 14.77 6.00
N VAL A 114 -15.71 15.93 5.54
CA VAL A 114 -15.16 16.54 4.34
C VAL A 114 -13.89 17.31 4.68
N VAL A 115 -12.83 17.05 3.92
CA VAL A 115 -11.63 17.87 3.95
C VAL A 115 -11.74 19.02 2.96
N ARG A 116 -12.16 18.72 1.72
CA ARG A 116 -12.42 19.75 0.74
C ARG A 116 -13.53 19.28 -0.19
N ASP A 117 -14.57 20.09 -0.31
CA ASP A 117 -15.66 19.87 -1.24
C ASP A 117 -15.15 19.97 -2.67
N ILE A 118 -15.99 19.53 -3.61
CA ILE A 118 -15.60 19.42 -5.02
C ILE A 118 -14.95 20.70 -5.52
N TRP A 119 -13.78 20.55 -6.13
CA TRP A 119 -13.08 21.68 -6.73
C TRP A 119 -12.44 21.21 -8.03
N GLU A 120 -12.07 22.18 -8.88
CA GLU A 120 -11.42 21.86 -10.14
C GLU A 120 -10.15 22.67 -10.32
N GLU A 121 -9.21 22.09 -11.05
CA GLU A 121 -7.96 22.75 -11.42
C GLU A 121 -7.71 22.52 -12.90
N SER A 122 -7.10 23.51 -13.54
CA SER A 122 -6.94 23.47 -14.98
C SER A 122 -5.58 24.05 -15.37
N ASP A 123 -5.04 23.55 -16.48
CA ASP A 123 -3.90 24.15 -17.13
C ASP A 123 -4.05 23.94 -18.64
N GLU A 124 -2.98 24.17 -19.39
CA GLU A 124 -3.05 24.08 -20.84
C GLU A 124 -3.50 22.71 -21.33
N PHE A 125 -3.35 21.67 -20.52
CA PHE A 125 -3.61 20.30 -20.97
C PHE A 125 -4.98 19.77 -20.55
N GLY A 126 -5.76 20.54 -19.81
CA GLY A 126 -7.10 20.11 -19.48
C GLY A 126 -7.40 20.39 -18.02
N THR A 127 -8.51 19.80 -17.56
CA THR A 127 -9.04 20.06 -16.23
C THR A 127 -9.20 18.73 -15.49
N VAL A 128 -9.01 18.79 -14.17
CA VAL A 128 -9.30 17.65 -13.30
C VAL A 128 -10.17 18.17 -12.16
N ARG A 129 -11.17 17.36 -11.77
CA ARG A 129 -12.02 17.68 -10.62
C ARG A 129 -11.72 16.71 -9.49
N PHE A 130 -11.80 17.22 -8.25
CA PHE A 130 -11.36 16.49 -7.07
C PHE A 130 -12.33 16.71 -5.92
N ALA A 131 -12.27 15.84 -4.92
CA ALA A 131 -12.82 16.09 -3.59
C ALA A 131 -12.07 15.24 -2.60
N THR A 132 -12.06 15.65 -1.32
CA THR A 132 -11.29 14.94 -0.30
C THR A 132 -12.13 14.73 0.96
N VAL A 133 -12.14 13.49 1.48
CA VAL A 133 -12.80 13.16 2.74
C VAL A 133 -11.82 12.44 3.65
N LYS A 134 -12.10 12.48 4.95
CA LYS A 134 -11.29 11.74 5.92
C LYS A 134 -11.65 10.26 5.92
N THR A 135 -10.64 9.43 6.19
CA THR A 135 -10.89 8.04 6.55
C THR A 135 -10.25 7.80 7.91
N TYR A 136 -9.66 6.62 8.14
CA TYR A 136 -9.17 6.29 9.48
C TYR A 136 -7.95 7.13 9.88
N GLY A 137 -7.78 7.35 11.18
CA GLY A 137 -6.62 8.08 11.67
C GLY A 137 -6.58 9.49 11.12
N ASP A 138 -5.40 9.91 10.67
CA ASP A 138 -5.21 11.15 9.93
C ASP A 138 -5.16 10.92 8.43
N THR A 139 -5.54 9.73 7.97
CA THR A 139 -5.50 9.41 6.55
C THR A 139 -6.75 9.94 5.87
N GLN A 140 -6.61 10.30 4.60
CA GLN A 140 -7.72 10.83 3.81
C GLN A 140 -7.77 10.16 2.45
N HIS A 141 -8.90 10.31 1.77
CA HIS A 141 -9.08 9.87 0.39
C HIS A 141 -9.42 11.06 -0.48
N THR A 142 -8.58 11.33 -1.48
CA THR A 142 -8.95 12.24 -2.56
C THR A 142 -9.49 11.44 -3.74
N PHE A 143 -10.67 11.82 -4.21
CA PHE A 143 -11.25 11.25 -5.42
C PHE A 143 -10.85 12.13 -6.59
N VAL A 144 -10.29 11.51 -7.63
CA VAL A 144 -9.66 12.21 -8.75
C VAL A 144 -10.42 11.85 -10.01
N GLU A 145 -11.14 12.82 -10.57
CA GLU A 145 -11.87 12.59 -11.82
C GLU A 145 -10.97 13.12 -12.93
N ARG A 146 -10.05 12.27 -13.38
CA ARG A 146 -9.18 12.66 -14.48
C ARG A 146 -9.85 12.21 -15.78
N LYS A 147 -10.22 13.17 -16.61
CA LYS A 147 -10.99 12.89 -17.83
C LYS A 147 -10.06 12.59 -19.00
N ASN A 148 -9.31 11.51 -18.85
CA ASN A 148 -8.19 11.21 -19.74
C ASN A 148 -7.24 12.41 -19.83
N TYR A 149 -6.99 13.04 -18.66
CA TYR A 149 -6.18 14.25 -18.60
C TYR A 149 -4.83 14.02 -19.27
N LYS A 150 -4.48 14.93 -20.17
CA LYS A 150 -3.35 14.72 -21.07
C LYS A 150 -2.07 15.38 -20.57
N GLY A 151 -2.09 16.01 -19.40
CA GLY A 151 -0.96 16.73 -18.90
C GLY A 151 0.00 15.86 -18.11
N LEU A 152 0.90 16.54 -17.40
CA LEU A 152 1.91 15.90 -16.58
C LEU A 152 1.34 15.70 -15.18
N PHE A 153 0.91 14.47 -14.90
CA PHE A 153 0.31 14.03 -13.64
C PHE A 153 -1.01 14.73 -13.35
N LEU A 154 -0.96 16.00 -12.94
CA LEU A 154 -2.16 16.75 -12.58
C LEU A 154 -1.92 18.21 -12.92
N PRO A 155 -2.98 19.00 -13.09
CA PRO A 155 -2.81 20.43 -13.39
C PRO A 155 -1.90 21.11 -12.37
N GLY A 156 -1.01 21.96 -12.88
CA GLY A 156 -0.14 22.73 -12.04
C GLY A 156 1.22 22.11 -11.76
N TYR A 157 1.36 20.80 -11.98
CA TYR A 157 2.65 20.17 -11.80
C TYR A 157 3.54 20.44 -13.00
N LYS A 158 4.84 20.59 -12.74
CA LYS A 158 5.80 20.90 -13.78
C LYS A 158 6.90 19.85 -13.82
N ALA A 159 7.71 19.89 -14.87
CA ALA A 159 8.82 18.96 -14.96
C ALA A 159 9.81 19.20 -13.83
N PRO A 160 10.47 18.17 -13.34
CA PRO A 160 11.54 18.39 -12.35
C PRO A 160 12.63 19.26 -12.95
N LEU A 161 13.28 20.06 -12.08
CA LEU A 161 14.34 20.93 -12.55
C LEU A 161 15.49 20.14 -13.17
N TYR A 162 15.80 18.98 -12.61
CA TYR A 162 16.93 18.18 -13.05
C TYR A 162 16.52 16.75 -13.35
N ASP A 163 17.36 16.14 -14.18
CA ASP A 163 17.24 14.68 -14.37
C ASP A 163 18.19 14.12 -13.30
N ASP A 164 18.11 12.85 -12.99
CA ASP A 164 18.89 12.22 -11.93
C ASP A 164 19.71 11.09 -12.54
N VAL A 165 21.02 11.30 -12.68
CA VAL A 165 21.84 10.26 -13.29
C VAL A 165 22.00 9.04 -12.40
N LEU A 166 21.82 9.18 -11.07
CA LEU A 166 21.87 8.00 -10.22
C LEU A 166 20.68 7.08 -10.49
N ALA A 167 19.47 7.62 -10.36
CA ALA A 167 18.29 6.79 -10.60
C ALA A 167 18.28 6.24 -12.01
N LYS A 168 18.74 7.03 -12.98
CA LYS A 168 18.75 6.60 -14.38
C LYS A 168 19.65 5.39 -14.60
N GLN A 169 20.75 5.27 -13.84
CA GLN A 169 21.75 4.23 -14.08
C GLN A 169 21.38 2.88 -13.48
N LEU A 170 20.28 2.81 -12.74
CA LEU A 170 19.95 1.61 -12.00
C LEU A 170 18.95 0.76 -12.78
N PRO A 171 18.88 -0.55 -12.50
CA PRO A 171 18.07 -1.44 -13.33
C PRO A 171 16.59 -1.42 -12.99
N ALA A 172 15.76 -1.66 -13.99
CA ALA A 172 14.32 -1.58 -13.82
C ALA A 172 13.80 -2.63 -12.85
N THR A 173 12.81 -2.26 -12.05
CA THR A 173 12.30 -3.15 -11.02
C THR A 173 10.94 -3.77 -11.32
N HIS A 174 10.28 -3.40 -12.42
CA HIS A 174 9.13 -4.14 -12.94
C HIS A 174 7.92 -4.15 -12.01
N LEU A 175 7.72 -3.10 -11.22
CA LEU A 175 6.52 -2.98 -10.41
C LEU A 175 5.48 -2.21 -11.22
N ASP A 176 4.26 -2.76 -11.32
CA ASP A 176 3.28 -2.32 -12.32
C ASP A 176 2.15 -1.48 -11.75
N PHE A 177 1.52 -1.91 -10.65
CA PHE A 177 0.38 -1.19 -10.12
C PHE A 177 0.23 -1.53 -8.66
N ILE A 178 -0.57 -0.72 -7.96
CA ILE A 178 -0.84 -0.95 -6.54
C ILE A 178 -1.87 -2.05 -6.41
N ASP A 179 -1.50 -3.15 -5.72
CA ASP A 179 -2.38 -4.30 -5.54
C ASP A 179 -3.36 -4.08 -4.39
N HIS A 180 -2.88 -3.58 -3.25
CA HIS A 180 -3.72 -3.29 -2.10
C HIS A 180 -2.98 -2.32 -1.17
N VAL A 181 -3.74 -1.69 -0.27
CA VAL A 181 -3.21 -0.75 0.72
C VAL A 181 -3.84 -1.12 2.06
N VAL A 182 -3.02 -1.51 3.03
CA VAL A 182 -3.50 -2.06 4.29
C VAL A 182 -3.45 -1.00 5.39
N GLY A 183 -4.56 -0.84 6.11
CA GLY A 183 -4.62 0.10 7.21
C GLY A 183 -4.74 -0.57 8.57
N ASN A 184 -3.79 -0.31 9.46
CA ASN A 184 -3.82 -0.83 10.82
C ASN A 184 -4.66 0.10 11.70
N GLN A 185 -5.54 -0.50 12.50
CA GLN A 185 -6.39 0.22 13.44
C GLN A 185 -6.06 -0.18 14.87
N PRO A 186 -6.33 0.70 15.84
CA PRO A 186 -6.18 0.32 17.25
C PRO A 186 -7.19 -0.77 17.65
N ASP A 187 -6.99 -1.29 18.86
CA ASP A 187 -7.86 -2.31 19.43
C ASP A 187 -9.33 -1.96 19.20
N LEU A 188 -10.08 -2.94 18.70
CA LEU A 188 -11.54 -2.92 18.60
C LEU A 188 -12.09 -2.02 17.51
N GLN A 189 -11.26 -1.47 16.61
CA GLN A 189 -11.75 -0.49 15.65
C GLN A 189 -12.00 -1.07 14.26
N MET A 190 -11.65 -2.33 14.01
CA MET A 190 -11.74 -2.86 12.66
C MET A 190 -13.16 -2.84 12.12
N GLU A 191 -14.14 -3.22 12.94
CA GLU A 191 -15.50 -3.37 12.42
C GLU A 191 -16.11 -2.02 12.05
N SER A 192 -15.90 -1.00 12.88
CA SER A 192 -16.46 0.32 12.56
C SER A 192 -15.78 0.92 11.34
N VAL A 193 -14.49 0.68 11.16
CA VAL A 193 -13.82 1.20 9.98
C VAL A 193 -14.30 0.48 8.73
N ALA A 194 -14.43 -0.84 8.80
CA ALA A 194 -14.97 -1.57 7.65
C ALA A 194 -16.39 -1.13 7.36
N ALA A 195 -17.19 -0.87 8.40
CA ALA A 195 -18.55 -0.39 8.19
C ALA A 195 -18.57 0.98 7.52
N TRP A 196 -17.59 1.83 7.81
CA TRP A 196 -17.50 3.11 7.12
C TRP A 196 -17.34 2.91 5.61
N TYR A 197 -16.45 2.00 5.20
CA TYR A 197 -16.27 1.76 3.78
C TYR A 197 -17.56 1.28 3.14
N GLU A 198 -18.29 0.40 3.83
CA GLU A 198 -19.53 -0.14 3.29
C GLU A 198 -20.60 0.94 3.16
N LYS A 199 -20.75 1.77 4.19
CA LYS A 199 -21.84 2.74 4.19
C LYS A 199 -21.51 3.98 3.37
N VAL A 200 -20.32 4.53 3.55
CA VAL A 200 -20.00 5.84 2.98
C VAL A 200 -19.64 5.73 1.50
N LEU A 201 -18.85 4.71 1.13
CA LEU A 201 -18.39 4.55 -0.24
C LEU A 201 -19.09 3.43 -0.98
N MET A 202 -19.96 2.68 -0.31
CA MET A 202 -20.60 1.51 -0.89
C MET A 202 -19.58 0.49 -1.39
N PHE A 203 -18.52 0.31 -0.61
CA PHE A 203 -17.65 -0.84 -0.76
C PHE A 203 -18.37 -2.07 -0.17
N HIS A 204 -17.80 -3.26 -0.42
CA HIS A 204 -18.30 -4.49 0.20
C HIS A 204 -17.12 -5.31 0.67
N ARG A 205 -17.40 -6.33 1.48
CA ARG A 205 -16.34 -7.19 1.97
C ARG A 205 -15.92 -8.17 0.88
N PHE A 206 -14.61 -8.20 0.61
CA PHE A 206 -14.02 -9.13 -0.33
C PHE A 206 -13.64 -10.40 0.42
N TRP A 207 -14.21 -11.53 0.02
CA TRP A 207 -13.90 -12.81 0.65
C TRP A 207 -12.87 -13.55 -0.19
N SER A 208 -11.79 -13.98 0.45
CA SER A 208 -10.77 -14.78 -0.22
C SER A 208 -10.53 -16.05 0.58
N VAL A 209 -9.60 -16.87 0.07
CA VAL A 209 -9.19 -18.08 0.76
C VAL A 209 -8.70 -17.77 2.17
N ASP A 210 -8.13 -16.58 2.39
CA ASP A 210 -7.63 -16.21 3.70
C ASP A 210 -8.72 -16.01 4.73
N ASP A 211 -9.93 -15.66 4.30
CA ASP A 211 -11.03 -15.48 5.24
C ASP A 211 -11.62 -16.82 5.69
N SER A 212 -11.36 -17.89 4.95
CA SER A 212 -11.97 -19.19 5.21
C SER A 212 -11.24 -20.03 6.24
N GLN A 213 -9.96 -19.69 6.50
CA GLN A 213 -9.20 -20.41 7.54
C GLN A 213 -8.66 -19.37 8.55
N ILE A 214 -8.74 -19.69 9.85
CA ILE A 214 -8.26 -18.76 10.91
C ILE A 214 -6.72 -18.83 10.99
N HIS A 215 -6.05 -17.67 11.10
CA HIS A 215 -4.57 -17.65 11.27
C HIS A 215 -4.23 -16.78 12.47
N THR A 216 -5.25 -16.38 13.25
CA THR A 216 -5.04 -15.43 14.39
C THR A 216 -3.93 -15.90 15.33
N GLU A 217 -3.90 -17.20 15.67
CA GLU A 217 -2.89 -17.65 16.64
C GLU A 217 -1.50 -17.23 16.23
N TYR A 218 -1.22 -17.18 14.93
CA TYR A 218 0.11 -16.84 14.45
C TYR A 218 0.23 -15.39 14.01
N SER A 219 -0.82 -14.83 13.41
CA SER A 219 -0.75 -13.48 12.86
C SER A 219 -0.96 -12.40 13.91
N ALA A 220 -1.62 -12.72 15.02
CA ALA A 220 -1.96 -11.75 16.05
C ALA A 220 -2.74 -10.57 15.50
N LEU A 221 -3.58 -10.83 14.50
CA LEU A 221 -4.42 -9.78 13.94
C LEU A 221 -5.73 -10.39 13.44
N ARG A 222 -6.70 -9.50 13.23
CA ARG A 222 -7.89 -9.81 12.46
C ARG A 222 -7.93 -8.82 11.30
N SER A 223 -8.45 -9.26 10.16
CA SER A 223 -8.51 -8.41 8.99
C SER A 223 -9.86 -8.55 8.29
N ILE A 224 -10.32 -7.45 7.72
CA ILE A 224 -11.45 -7.44 6.79
C ILE A 224 -10.98 -6.66 5.57
N VAL A 225 -11.15 -7.24 4.39
CA VAL A 225 -10.76 -6.57 3.14
C VAL A 225 -12.00 -5.92 2.55
N MET A 226 -11.97 -4.60 2.40
CA MET A 226 -13.07 -3.89 1.75
C MET A 226 -12.68 -3.53 0.32
N THR A 227 -13.65 -3.59 -0.59
CA THR A 227 -13.37 -3.36 -2.00
C THR A 227 -14.57 -2.68 -2.66
N ASN A 228 -14.30 -1.96 -3.74
CA ASN A 228 -15.38 -1.34 -4.51
C ASN A 228 -16.17 -2.39 -5.27
N TYR A 229 -17.29 -1.96 -5.85
CA TYR A 229 -18.22 -2.90 -6.46
C TYR A 229 -17.54 -3.77 -7.53
N GLU A 230 -16.67 -3.17 -8.34
CA GLU A 230 -16.01 -3.93 -9.44
C GLU A 230 -14.72 -4.60 -8.94
N GLU A 231 -14.37 -4.43 -7.66
CA GLU A 231 -13.24 -5.11 -7.06
C GLU A 231 -11.91 -4.76 -7.74
N THR A 232 -11.77 -3.48 -8.09
CA THR A 232 -10.53 -2.96 -8.67
C THR A 232 -9.63 -2.28 -7.65
N VAL A 233 -10.14 -1.95 -6.46
CA VAL A 233 -9.33 -1.36 -5.39
C VAL A 233 -9.58 -2.12 -4.11
N LYS A 234 -8.52 -2.56 -3.46
CA LYS A 234 -8.63 -3.40 -2.27
C LYS A 234 -8.01 -2.70 -1.07
N MET A 235 -8.79 -2.59 0.01
CA MET A 235 -8.40 -1.86 1.22
C MET A 235 -8.56 -2.78 2.43
N PRO A 236 -7.55 -3.59 2.73
CA PRO A 236 -7.60 -4.37 3.98
C PRO A 236 -7.53 -3.49 5.22
N ILE A 237 -8.29 -3.88 6.23
CA ILE A 237 -8.38 -3.19 7.52
C ILE A 237 -8.02 -4.21 8.60
N ASN A 238 -6.96 -3.93 9.38
CA ASN A 238 -6.49 -4.82 10.44
C ASN A 238 -6.78 -4.22 11.81
N GLU A 239 -6.95 -5.08 12.80
CA GLU A 239 -6.87 -4.71 14.21
C GLU A 239 -6.07 -5.78 14.92
N PRO A 240 -5.51 -5.46 16.10
CA PRO A 240 -4.75 -6.48 16.85
C PRO A 240 -5.66 -7.60 17.32
N ALA A 241 -5.07 -8.77 17.55
CA ALA A 241 -5.81 -9.90 18.10
C ALA A 241 -4.87 -10.70 18.99
N LYS A 242 -5.45 -11.55 19.83
CA LYS A 242 -4.67 -12.34 20.76
C LYS A 242 -4.04 -13.52 20.02
N GLY A 243 -2.72 -13.60 20.05
CA GLY A 243 -2.00 -14.71 19.45
C GLY A 243 -0.88 -15.21 20.35
N LYS A 244 0.05 -15.97 19.79
CA LYS A 244 1.12 -16.56 20.59
C LYS A 244 2.21 -15.55 20.99
N LYS A 245 2.31 -14.41 20.30
CA LYS A 245 3.32 -13.40 20.58
C LYS A 245 2.66 -12.03 20.48
N LYS A 246 3.33 -11.02 21.04
CA LYS A 246 2.81 -9.65 21.01
C LYS A 246 2.50 -9.22 19.59
N SER A 247 1.41 -8.48 19.43
CA SER A 247 0.89 -8.18 18.10
C SER A 247 1.68 -7.05 17.45
N GLN A 248 2.12 -7.29 16.21
CA GLN A 248 2.77 -6.25 15.43
C GLN A 248 1.82 -5.12 15.08
N ILE A 249 0.51 -5.36 15.17
CA ILE A 249 -0.43 -4.27 14.99
C ILE A 249 -0.39 -3.33 16.18
N GLU A 250 -0.24 -3.88 17.38
CA GLU A 250 -0.12 -3.03 18.56
C GLU A 250 1.15 -2.20 18.52
N GLU A 251 2.26 -2.81 18.13
CA GLU A 251 3.51 -2.06 17.97
C GLU A 251 3.34 -0.94 16.97
N TYR A 252 2.69 -1.23 15.83
CA TYR A 252 2.46 -0.19 14.82
C TYR A 252 1.70 0.98 15.45
N VAL A 253 0.57 0.69 16.09
CA VAL A 253 -0.27 1.77 16.59
C VAL A 253 0.46 2.57 17.67
N ASP A 254 1.27 1.89 18.49
CA ASP A 254 2.05 2.58 19.50
C ASP A 254 3.04 3.56 18.89
N TYR A 255 3.80 3.11 17.86
CA TYR A 255 4.83 3.96 17.31
C TYR A 255 4.31 4.92 16.25
N TYR A 256 3.21 4.60 15.58
CA TYR A 256 2.60 5.55 14.65
C TYR A 256 1.72 6.56 15.38
N GLY A 257 1.37 6.31 16.63
CA GLY A 257 0.50 7.22 17.34
C GLY A 257 -0.95 7.14 16.92
N GLY A 258 -1.39 5.99 16.40
CA GLY A 258 -2.77 5.79 16.00
C GLY A 258 -2.85 4.96 14.73
N ALA A 259 -4.03 4.99 14.11
CA ALA A 259 -4.29 4.25 12.89
C ALA A 259 -3.51 4.84 11.71
N GLY A 260 -3.20 3.98 10.74
CA GLY A 260 -2.53 4.45 9.54
C GLY A 260 -2.18 3.29 8.62
N VAL A 261 -1.64 3.64 7.45
CA VAL A 261 -1.26 2.64 6.48
C VAL A 261 -0.06 1.86 6.98
N GLN A 262 -0.18 0.54 7.01
CA GLN A 262 0.88 -0.37 7.39
C GLN A 262 1.75 -0.78 6.20
N HIS A 263 1.12 -1.12 5.08
CA HIS A 263 1.91 -1.48 3.91
C HIS A 263 1.13 -1.18 2.63
N ILE A 264 1.91 -0.95 1.57
CA ILE A 264 1.40 -0.80 0.21
C ILE A 264 2.00 -1.95 -0.57
N ALA A 265 1.14 -2.73 -1.23
CA ALA A 265 1.59 -3.86 -2.04
C ALA A 265 1.62 -3.47 -3.50
N LEU A 266 2.74 -3.75 -4.16
CA LEU A 266 2.99 -3.42 -5.56
C LEU A 266 3.03 -4.71 -6.37
N ASN A 267 2.17 -4.80 -7.39
CA ASN A 267 2.02 -6.01 -8.19
C ASN A 267 3.04 -6.02 -9.30
N THR A 268 3.70 -7.18 -9.49
CA THR A 268 4.69 -7.37 -10.54
C THR A 268 4.33 -8.62 -11.34
N SER A 269 4.77 -8.66 -12.59
CA SER A 269 4.63 -9.87 -13.40
C SER A 269 5.97 -10.57 -13.61
N ASP A 270 7.03 -10.14 -12.91
CA ASP A 270 8.30 -10.86 -12.96
C ASP A 270 9.00 -10.64 -11.62
N ILE A 271 8.55 -11.37 -10.59
CA ILE A 271 9.05 -11.13 -9.24
C ILE A 271 10.53 -11.48 -9.08
N ILE A 272 11.03 -12.48 -9.81
CA ILE A 272 12.45 -12.80 -9.68
C ILE A 272 13.32 -11.63 -10.14
N THR A 273 13.02 -11.09 -11.32
CA THR A 273 13.79 -9.93 -11.80
C THR A 273 13.57 -8.72 -10.90
N ALA A 274 12.32 -8.50 -10.47
CA ALA A 274 12.04 -7.39 -9.55
C ALA A 274 12.91 -7.44 -8.31
N ILE A 275 12.96 -8.61 -7.65
CA ILE A 275 13.68 -8.68 -6.38
C ILE A 275 15.19 -8.67 -6.61
N GLU A 276 15.67 -9.32 -7.68
CA GLU A 276 17.08 -9.21 -8.01
C GLU A 276 17.49 -7.74 -8.16
N ASN A 277 16.66 -6.96 -8.84
CA ASN A 277 17.03 -5.57 -9.13
C ASN A 277 16.77 -4.64 -7.95
N LEU A 278 15.75 -4.90 -7.12
CA LEU A 278 15.62 -4.17 -5.86
C LEU A 278 16.78 -4.44 -4.92
N ARG A 279 17.24 -5.69 -4.86
CA ARG A 279 18.41 -5.99 -4.04
C ARG A 279 19.65 -5.29 -4.56
N ALA A 280 19.80 -5.20 -5.89
CA ALA A 280 20.94 -4.48 -6.48
C ALA A 280 20.88 -3.00 -6.19
N ARG A 281 19.71 -2.48 -5.85
CA ARG A 281 19.53 -1.10 -5.46
C ARG A 281 19.63 -0.90 -3.95
N GLY A 282 20.01 -1.94 -3.22
CA GLY A 282 20.27 -1.82 -1.80
C GLY A 282 19.06 -2.01 -0.89
N MET A 283 17.93 -2.46 -1.42
CA MET A 283 16.79 -2.76 -0.58
C MET A 283 17.02 -4.06 0.19
N HIS A 284 16.52 -4.09 1.43
CA HIS A 284 16.51 -5.30 2.24
C HIS A 284 15.09 -5.79 2.50
N PHE A 285 15.00 -7.09 2.78
CA PHE A 285 13.75 -7.80 2.92
C PHE A 285 13.87 -8.74 4.11
N LEU A 286 12.72 -9.24 4.58
CA LEU A 286 12.74 -10.21 5.68
C LEU A 286 13.66 -11.37 5.37
N SER A 287 14.45 -11.79 6.37
CA SER A 287 15.29 -12.97 6.22
C SER A 287 14.46 -14.21 6.49
N VAL A 288 14.58 -15.21 5.61
CA VAL A 288 13.75 -16.39 5.66
C VAL A 288 14.65 -17.61 5.85
N PRO A 289 14.45 -18.41 6.90
CA PRO A 289 15.31 -19.57 7.13
C PRO A 289 15.10 -20.63 6.07
N ASN A 290 16.15 -21.44 5.84
CA ASN A 290 16.05 -22.51 4.85
C ASN A 290 14.95 -23.50 5.20
N THR A 291 14.66 -23.69 6.50
CA THR A 291 13.59 -24.61 6.89
C THR A 291 12.24 -24.20 6.33
N TYR A 292 12.01 -22.90 6.09
CA TYR A 292 10.77 -22.49 5.46
C TYR A 292 10.61 -23.16 4.11
N TYR A 293 11.69 -23.18 3.32
CA TYR A 293 11.63 -23.75 1.97
C TYR A 293 11.60 -25.26 2.01
N ASP A 294 12.32 -25.88 2.94
CA ASP A 294 12.23 -27.33 3.08
C ASP A 294 10.81 -27.75 3.44
N GLN A 295 10.19 -27.05 4.39
CA GLN A 295 8.84 -27.39 4.78
C GLN A 295 7.84 -27.07 3.66
N LEU A 296 8.07 -25.99 2.92
CA LEU A 296 7.18 -25.65 1.81
C LEU A 296 7.24 -26.72 0.72
N ARG A 297 8.45 -27.17 0.37
CA ARG A 297 8.59 -28.21 -0.65
C ARG A 297 7.91 -29.50 -0.21
N GLU A 298 7.94 -29.81 1.08
CA GLU A 298 7.26 -31.03 1.55
C GLU A 298 5.75 -30.86 1.50
N ARG A 299 5.23 -29.68 1.86
CA ARG A 299 3.79 -29.46 1.78
C ARG A 299 3.31 -29.52 0.33
N LEU A 300 4.11 -28.99 -0.60
CA LEU A 300 3.73 -28.97 -2.02
C LEU A 300 3.70 -30.36 -2.63
N LYS A 301 4.29 -31.34 -1.96
CA LYS A 301 4.33 -32.74 -2.49
C LYS A 301 2.91 -33.34 -2.63
N SER A 302 1.95 -32.88 -1.83
CA SER A 302 0.59 -33.37 -1.94
C SER A 302 -0.34 -32.43 -2.69
N SER A 303 0.19 -31.35 -3.27
CA SER A 303 -0.61 -30.38 -3.99
C SER A 303 -0.51 -30.62 -5.49
N LYS A 304 -1.58 -30.28 -6.21
CA LYS A 304 -1.57 -30.33 -7.66
C LYS A 304 -1.13 -29.02 -8.30
N VAL A 305 -0.81 -28.00 -7.50
CA VAL A 305 -0.42 -26.72 -8.07
C VAL A 305 1.00 -26.80 -8.63
N LYS A 306 1.23 -26.12 -9.75
CA LYS A 306 2.50 -26.12 -10.46
C LYS A 306 3.15 -24.76 -10.29
N ILE A 307 4.26 -24.70 -9.58
CA ILE A 307 5.02 -23.46 -9.44
C ILE A 307 5.86 -23.27 -10.71
N GLN A 308 5.65 -22.13 -11.39
CA GLN A 308 6.35 -21.89 -12.64
C GLN A 308 7.78 -21.39 -12.41
N GLU A 309 7.97 -20.53 -11.41
CA GLU A 309 9.27 -19.92 -11.14
C GLU A 309 10.22 -20.94 -10.53
N ASP A 310 11.52 -20.73 -10.76
CA ASP A 310 12.54 -21.64 -10.25
C ASP A 310 12.62 -21.53 -8.73
N MET A 311 12.29 -22.62 -8.03
CA MET A 311 12.23 -22.59 -6.57
C MET A 311 13.59 -22.30 -5.93
N ASP A 312 14.68 -22.80 -6.52
CA ASP A 312 16.00 -22.49 -5.98
C ASP A 312 16.23 -20.98 -5.99
N THR A 313 15.80 -20.32 -7.06
CA THR A 313 15.97 -18.87 -7.14
C THR A 313 15.07 -18.16 -6.15
N LEU A 314 13.81 -18.61 -6.02
CA LEU A 314 12.95 -18.05 -4.97
C LEU A 314 13.60 -18.16 -3.59
N GLN A 315 14.21 -19.30 -3.29
CA GLN A 315 14.85 -19.48 -2.00
C GLN A 315 16.05 -18.55 -1.85
N LYS A 316 16.87 -18.43 -2.89
CA LYS A 316 18.00 -17.52 -2.85
C LYS A 316 17.55 -16.11 -2.53
N LEU A 317 16.47 -15.65 -3.16
CA LEU A 317 16.01 -14.27 -3.03
C LEU A 317 15.07 -14.07 -1.84
N ASN A 318 14.75 -15.13 -1.09
CA ASN A 318 13.85 -15.08 0.05
C ASN A 318 12.44 -14.62 -0.32
N ILE A 319 11.98 -15.02 -1.50
CA ILE A 319 10.60 -14.80 -1.92
C ILE A 319 9.72 -15.88 -1.30
N LEU A 320 8.54 -15.48 -0.80
CA LEU A 320 7.57 -16.36 -0.15
C LEU A 320 6.53 -16.85 -1.16
N ILE A 321 5.89 -17.97 -0.82
CA ILE A 321 4.85 -18.59 -1.63
C ILE A 321 3.63 -18.84 -0.75
N ASP A 322 2.43 -18.57 -1.26
CA ASP A 322 1.21 -19.11 -0.65
C ASP A 322 0.36 -19.72 -1.75
N TYR A 323 -0.34 -20.81 -1.44
CA TYR A 323 -1.03 -21.54 -2.49
C TYR A 323 -2.28 -22.22 -1.94
N ASP A 324 -3.18 -22.55 -2.86
CA ASP A 324 -4.23 -23.53 -2.64
C ASP A 324 -4.23 -24.47 -3.83
N GLU A 325 -5.26 -25.30 -3.98
CA GLU A 325 -5.23 -26.25 -5.08
C GLU A 325 -5.50 -25.61 -6.44
N ASP A 326 -5.92 -24.34 -6.46
CA ASP A 326 -6.29 -23.67 -7.70
C ASP A 326 -5.30 -22.60 -8.15
N GLY A 327 -4.23 -22.39 -7.41
CA GLY A 327 -3.27 -21.39 -7.82
C GLY A 327 -2.39 -20.98 -6.65
N TYR A 328 -1.57 -19.96 -6.91
CA TYR A 328 -0.62 -19.54 -5.91
C TYR A 328 -0.26 -18.08 -6.12
N LEU A 329 0.33 -17.49 -5.10
CA LEU A 329 0.94 -16.17 -5.23
C LEU A 329 2.37 -16.22 -4.71
N LEU A 330 3.16 -15.26 -5.16
CA LEU A 330 4.49 -15.01 -4.63
C LEU A 330 4.49 -13.63 -3.99
N GLN A 331 5.16 -13.50 -2.86
CA GLN A 331 5.20 -12.21 -2.19
C GLN A 331 6.48 -12.06 -1.39
N ILE A 332 6.85 -10.81 -1.11
CA ILE A 332 8.01 -10.53 -0.28
C ILE A 332 7.80 -9.17 0.37
N PHE A 333 8.33 -9.01 1.58
CA PHE A 333 8.13 -7.80 2.37
C PHE A 333 9.46 -7.07 2.56
N THR A 334 9.47 -5.78 2.24
CA THR A 334 10.66 -4.99 2.52
C THR A 334 10.82 -4.78 4.01
N LYS A 335 12.03 -4.39 4.40
CA LYS A 335 12.22 -3.80 5.71
C LYS A 335 11.52 -2.44 5.79
N ASN A 336 11.52 -1.85 6.97
CA ASN A 336 10.74 -0.64 7.17
C ASN A 336 11.31 0.54 6.36
N MET A 337 10.41 1.44 5.94
CA MET A 337 10.80 2.62 5.17
C MET A 337 11.35 3.73 6.05
N GLN A 338 11.44 3.51 7.35
CA GLN A 338 11.82 4.54 8.31
C GLN A 338 12.24 3.82 9.58
N ASP A 339 12.75 4.59 10.55
CA ASP A 339 13.20 3.99 11.80
C ASP A 339 12.03 3.51 12.64
N ARG A 340 10.95 4.29 12.73
CA ARG A 340 9.78 3.81 13.47
C ARG A 340 9.29 2.50 12.87
N PRO A 341 8.87 1.53 13.69
CA PRO A 341 8.40 0.23 13.16
C PRO A 341 6.96 0.33 12.68
N THR A 342 6.80 1.06 11.58
CA THR A 342 5.49 1.38 11.05
C THR A 342 5.31 0.89 9.61
N LEU A 343 5.60 1.74 8.62
CA LEU A 343 5.30 1.42 7.22
C LEU A 343 6.37 0.54 6.58
N PHE A 344 5.94 -0.42 5.77
CA PHE A 344 6.81 -1.19 4.89
C PHE A 344 6.10 -1.39 3.55
N LEU A 345 6.80 -2.00 2.59
CA LEU A 345 6.22 -2.28 1.29
C LEU A 345 6.20 -3.78 1.03
N GLU A 346 5.33 -4.20 0.12
CA GLU A 346 5.23 -5.57 -0.33
C GLU A 346 5.29 -5.61 -1.84
N VAL A 347 5.98 -6.62 -2.37
CA VAL A 347 5.94 -6.96 -3.79
C VAL A 347 5.21 -8.29 -3.93
N ILE A 348 4.25 -8.34 -4.84
CA ILE A 348 3.37 -9.50 -4.96
C ILE A 348 3.15 -9.84 -6.42
N GLN A 349 3.11 -11.14 -6.73
CA GLN A 349 2.77 -11.61 -8.07
C GLN A 349 1.75 -12.73 -7.92
N ARG A 350 0.67 -12.67 -8.70
CA ARG A 350 -0.44 -13.60 -8.56
C ARG A 350 -0.51 -14.55 -9.74
N HIS A 351 -0.80 -15.83 -9.44
CA HIS A 351 -1.02 -16.88 -10.44
C HIS A 351 -2.33 -17.58 -10.09
N GLY A 352 -3.45 -16.90 -10.33
CA GLY A 352 -4.74 -17.51 -10.07
C GLY A 352 -5.07 -17.66 -8.60
N HIS A 353 -4.61 -16.73 -7.77
CA HIS A 353 -4.85 -16.78 -6.33
C HIS A 353 -5.15 -15.36 -5.88
N ASN A 354 -6.31 -15.17 -5.26
CA ASN A 354 -6.81 -13.84 -4.93
C ASN A 354 -6.61 -13.46 -3.48
N GLY A 355 -5.85 -14.25 -2.73
CA GLY A 355 -5.62 -14.01 -1.32
C GLY A 355 -4.46 -13.06 -1.08
N PHE A 356 -3.99 -13.04 0.17
CA PHE A 356 -3.02 -12.04 0.60
C PHE A 356 -1.81 -12.66 1.29
N GLY A 357 -1.71 -13.99 1.29
CA GLY A 357 -0.57 -14.67 1.86
C GLY A 357 -0.71 -15.08 3.30
N ALA A 358 -1.94 -15.18 3.82
CA ALA A 358 -2.11 -15.44 5.25
C ALA A 358 -1.49 -16.76 5.69
N GLY A 359 -1.34 -17.72 4.79
CA GLY A 359 -0.67 -18.96 5.15
C GLY A 359 0.77 -18.74 5.61
N ASN A 360 1.39 -17.64 5.19
CA ASN A 360 2.76 -17.43 5.60
C ASN A 360 2.92 -16.98 7.05
N PHE A 361 1.84 -16.50 7.69
CA PHE A 361 1.96 -16.18 9.11
C PHE A 361 2.39 -17.41 9.90
N LYS A 362 1.68 -18.52 9.72
CA LYS A 362 2.05 -19.76 10.39
C LYS A 362 3.38 -20.28 9.88
N ALA A 363 3.57 -20.32 8.57
CA ALA A 363 4.77 -20.93 8.02
C ALA A 363 6.03 -20.21 8.50
N LEU A 364 6.02 -18.87 8.48
CA LEU A 364 7.20 -18.14 8.93
C LEU A 364 7.35 -18.19 10.44
N PHE A 365 6.22 -18.07 11.17
CA PHE A 365 6.28 -18.17 12.63
C PHE A 365 6.94 -19.47 13.05
N GLU A 366 6.47 -20.58 12.48
CA GLU A 366 7.01 -21.91 12.87
C GLU A 366 8.52 -21.97 12.55
N ALA A 367 8.93 -21.57 11.35
CA ALA A 367 10.33 -21.68 10.98
C ALA A 367 11.22 -20.75 11.81
N ILE A 368 10.80 -19.51 12.00
CA ILE A 368 11.63 -18.55 12.73
C ILE A 368 11.63 -18.83 14.23
N GLU A 369 10.45 -19.09 14.80
CA GLU A 369 10.37 -19.29 16.26
C GLU A 369 11.16 -20.53 16.66
N ALA A 370 11.03 -21.62 15.90
CA ALA A 370 11.72 -22.88 16.25
C ALA A 370 13.22 -22.61 16.32
N ASP A 371 13.77 -21.96 15.31
CA ASP A 371 15.23 -21.69 15.27
C ASP A 371 15.64 -20.83 16.47
N GLN A 372 14.84 -19.82 16.79
CA GLN A 372 15.18 -18.91 17.92
C GLN A 372 15.10 -19.68 19.24
N ASP A 373 14.14 -20.60 19.35
CA ASP A 373 14.03 -21.44 20.56
C ASP A 373 15.31 -22.26 20.69
N LYS A 374 15.78 -22.83 19.59
CA LYS A 374 17.04 -23.61 19.62
C LYS A 374 18.20 -22.68 20.01
N ARG A 375 18.09 -21.39 19.65
CA ARG A 375 19.16 -20.41 19.96
C ARG A 375 18.93 -19.77 21.33
N GLY A 376 18.12 -20.39 22.18
CA GLY A 376 17.93 -19.90 23.57
C GLY A 376 17.18 -18.59 23.67
N ASN A 377 16.52 -18.18 22.59
CA ASN A 377 15.78 -16.89 22.58
C ASN A 377 16.70 -15.79 23.12
N LEU A 378 17.98 -15.84 22.74
CA LEU A 378 18.95 -14.81 23.21
C LEU A 378 18.83 -13.55 22.33
CO CO B . -0.36 -7.49 1.80
C10 A1L7D C . -0.03 -9.46 4.06
C15 A1L7D C . 5.45 -12.02 8.82
C17 A1L7D C . 4.66 -13.84 10.53
C20 A1L7D C . 3.49 -11.65 12.31
C21 A1L7D C . 4.18 -11.28 11.00
C22 A1L7D C . -2.45 -8.75 3.74
C01 A1L7D C . 0.85 -10.40 4.80
C02 A1L7D C . 0.70 -11.88 4.58
C03 A1L7D C . 1.60 -12.82 5.32
C04 A1L7D C . 2.63 -12.21 6.28
C05 A1L7D C . 2.75 -10.77 6.48
C06 A1L7D C . 1.86 -9.80 5.74
C07 A1L7D C . 3.66 -12.88 7.15
C09 A1L7D C . 3.84 -10.49 7.47
C12 A1L7D C . -1.51 -9.56 4.30
C16 A1L7D C . 4.76 -12.38 10.13
C18 A1L7D C . 3.97 -14.20 11.83
C19 A1L7D C . 3.39 -13.10 12.71
C25 A1L7D C . -2.15 -10.47 5.11
C27 A1L7D C . -4.91 -8.53 3.82
N08 A1L7D C . 4.40 -11.81 7.87
N23 A1L7D C . -3.63 -9.14 4.17
N24 A1L7D C . -3.45 -10.22 5.02
O11 A1L7D C . 0.50 -8.66 3.34
O13 A1L7D C . 4.18 -9.43 7.84
O14 A1L7D C . 3.86 -14.03 7.26
O26 A1L7D C . -2.16 -7.71 2.86
#